data_8EJO
#
_entry.id   8EJO
#
_cell.length_a   74.022
_cell.length_b   74.022
_cell.length_c   97.309
_cell.angle_alpha   90.000
_cell.angle_beta   90.000
_cell.angle_gamma   90.000
#
_symmetry.space_group_name_H-M   'P 43 21 2'
#
loop_
_entity.id
_entity.type
_entity.pdbx_description
1 polymer 'Homeobox domain-containing protein'
2 polymer "DNA (5'-D(*GP*CP*GP*TP*AP*AP*TP*CP*TP*AP*AP*TP*CP*AP*AP*CP*A)-3')"
3 polymer "DNA (5'-D(*TP*GP*TP*TP*GP*AP*TP*TP*AP*GP*AP*TP*TP*AP*CP*GP*C)-3')"
4 non-polymer 1,2-ETHANEDIOL
5 water water
#
loop_
_entity_poly.entity_id
_entity_poly.type
_entity_poly.pdbx_seq_one_letter_code
_entity_poly.pdbx_strand_id
1 'polypeptide(L)' GPAREGARRKRTTFNKTQLEILVKSFNKDPYPGIGVREHLASLIQIPESRIQVWFQNRRARQLGQKKKLEV A,B
2 'polydeoxyribonucleotide' (DG)(DC)(DG)(DT)(DA)(DA)(DT)(DC)(DT)(DA)(DA)(DT)(DC)(DA)(DA)(DC)(DA) C
3 'polydeoxyribonucleotide' (DT)(DG)(DT)(DT)(DG)(DA)(DT)(DT)(DA)(DG)(DA)(DT)(DT)(DA)(DC)(DG)(DC) D
#
# COMPACT_ATOMS: atom_id res chain seq x y z
N ALA A 7 -6.77 2.68 -14.66
CA ALA A 7 -7.20 1.31 -14.43
C ALA A 7 -6.75 0.83 -13.06
N ARG A 8 -7.46 -0.16 -12.51
CA ARG A 8 -7.12 -0.74 -11.22
C ARG A 8 -6.09 -1.84 -11.38
N ARG A 9 -5.38 -2.12 -10.29
CA ARG A 9 -4.48 -3.26 -10.27
C ARG A 9 -5.28 -4.55 -10.35
N LYS A 10 -4.62 -5.60 -10.80
CA LYS A 10 -5.25 -6.92 -10.81
C LYS A 10 -5.61 -7.34 -9.38
N ARG A 11 -6.78 -7.94 -9.23
CA ARG A 11 -7.29 -8.29 -7.91
C ARG A 11 -6.40 -9.35 -7.27
N THR A 12 -5.87 -9.03 -6.09
CA THR A 12 -5.00 -9.96 -5.38
C THR A 12 -5.80 -11.18 -4.94
N THR A 13 -5.28 -12.36 -5.24
CA THR A 13 -5.93 -13.62 -4.94
C THR A 13 -5.20 -14.30 -3.79
N PHE A 14 -5.95 -14.71 -2.78
CA PHE A 14 -5.41 -15.43 -1.63
C PHE A 14 -5.85 -16.88 -1.68
N ASN A 15 -4.93 -17.78 -1.35
CA ASN A 15 -5.24 -19.21 -1.30
C ASN A 15 -5.70 -19.57 0.11
N LYS A 16 -5.91 -20.86 0.35
CA LYS A 16 -6.41 -21.30 1.66
C LYS A 16 -5.41 -21.01 2.77
N THR A 17 -4.12 -21.27 2.53
CA THR A 17 -3.11 -21.10 3.58
C THR A 17 -2.92 -19.63 3.94
N GLN A 18 -2.83 -18.77 2.92
CA GLN A 18 -2.69 -17.34 3.17
C GLN A 18 -3.87 -16.79 3.96
N LEU A 19 -5.09 -17.17 3.56
CA LEU A 19 -6.28 -16.72 4.27
C LEU A 19 -6.30 -17.23 5.70
N GLU A 20 -5.90 -18.49 5.91
CA GLU A 20 -5.87 -19.04 7.26
C GLU A 20 -4.90 -18.27 8.15
N ILE A 21 -3.69 -18.00 7.63
CA ILE A 21 -2.70 -17.26 8.41
C ILE A 21 -3.20 -15.85 8.72
N LEU A 22 -3.80 -15.19 7.73
CA LEU A 22 -4.31 -13.84 7.94
C LEU A 22 -5.45 -13.82 8.95
N VAL A 23 -6.32 -14.83 8.91
CA VAL A 23 -7.44 -14.88 9.86
C VAL A 23 -6.94 -15.15 11.27
N LYS A 24 -5.94 -16.01 11.42
CA LYS A 24 -5.36 -16.23 12.74
C LYS A 24 -4.72 -14.95 13.27
N SER A 25 -3.96 -14.25 12.43
CA SER A 25 -3.35 -12.99 12.86
C SER A 25 -4.41 -11.95 13.20
N PHE A 26 -5.52 -11.95 12.47
CA PHE A 26 -6.60 -11.01 12.76
C PHE A 26 -7.26 -11.33 14.09
N ASN A 27 -7.51 -12.61 14.36
CA ASN A 27 -8.08 -13.00 15.64
C ASN A 27 -7.14 -12.69 16.80
N LYS A 28 -5.83 -12.74 16.56
CA LYS A 28 -4.88 -12.33 17.60
C LYS A 28 -4.93 -10.82 17.82
N ASP A 29 -4.76 -10.05 16.75
CA ASP A 29 -4.79 -8.59 16.84
C ASP A 29 -5.39 -8.00 15.57
N PRO A 30 -6.56 -7.36 15.66
CA PRO A 30 -7.15 -6.74 14.46
C PRO A 30 -6.43 -5.49 13.99
N TYR A 31 -5.55 -4.90 14.80
CA TYR A 31 -4.80 -3.70 14.44
C TYR A 31 -3.32 -4.02 14.54
N PRO A 32 -2.76 -4.70 13.54
CA PRO A 32 -1.35 -5.06 13.60
C PRO A 32 -0.45 -3.88 13.23
N GLY A 33 0.67 -3.76 13.95
CA GLY A 33 1.67 -2.77 13.64
C GLY A 33 2.39 -3.09 12.34
N ILE A 34 3.32 -2.20 11.99
CA ILE A 34 4.08 -2.39 10.76
C ILE A 34 4.95 -3.64 10.84
N GLY A 35 5.48 -3.97 12.03
CA GLY A 35 6.34 -5.14 12.14
C GLY A 35 5.61 -6.43 11.86
N VAL A 36 4.45 -6.61 12.49
CA VAL A 36 3.68 -7.84 12.27
C VAL A 36 3.15 -7.90 10.84
N ARG A 37 2.77 -6.74 10.29
CA ARG A 37 2.30 -6.73 8.90
C ARG A 37 3.41 -7.15 7.95
N GLU A 38 4.63 -6.63 8.15
CA GLU A 38 5.74 -7.03 7.30
C GLU A 38 6.13 -8.49 7.52
N HIS A 39 5.97 -8.99 8.75
CA HIS A 39 6.22 -10.40 9.02
C HIS A 39 5.24 -11.27 8.24
N LEU A 40 3.95 -10.92 8.30
CA LEU A 40 2.96 -11.64 7.52
C LEU A 40 3.23 -11.54 6.02
N ALA A 41 3.71 -10.37 5.58
CA ALA A 41 4.03 -10.17 4.17
C ALA A 41 5.14 -11.13 3.73
N SER A 42 6.20 -11.23 4.52
CA SER A 42 7.27 -12.16 4.19
C SER A 42 6.82 -13.61 4.34
N LEU A 43 5.86 -13.87 5.23
CA LEU A 43 5.43 -15.25 5.49
C LEU A 43 4.57 -15.80 4.36
N ILE A 44 3.52 -15.06 3.98
CA ILE A 44 2.60 -15.53 2.95
C ILE A 44 2.95 -14.98 1.57
N GLN A 45 4.04 -14.22 1.46
CA GLN A 45 4.52 -13.67 0.19
C GLN A 45 3.42 -12.86 -0.50
N ILE A 46 3.00 -11.81 0.19
CA ILE A 46 2.00 -10.86 -0.30
C ILE A 46 2.46 -9.48 0.13
N PRO A 47 2.46 -8.48 -0.75
CA PRO A 47 2.96 -7.15 -0.35
C PRO A 47 2.25 -6.60 0.87
N GLU A 48 3.00 -5.90 1.72
CA GLU A 48 2.47 -5.41 2.98
C GLU A 48 1.27 -4.49 2.78
N SER A 49 1.27 -3.72 1.68
CA SER A 49 0.12 -2.87 1.39
C SER A 49 -1.15 -3.69 1.19
N ARG A 50 -1.03 -4.82 0.50
CA ARG A 50 -2.19 -5.69 0.31
C ARG A 50 -2.68 -6.25 1.64
N ILE A 51 -1.76 -6.55 2.56
CA ILE A 51 -2.17 -7.06 3.87
C ILE A 51 -2.86 -5.96 4.68
N GLN A 52 -2.36 -4.73 4.59
CA GLN A 52 -3.03 -3.63 5.28
C GLN A 52 -4.44 -3.41 4.72
N VAL A 53 -4.58 -3.48 3.40
CA VAL A 53 -5.91 -3.36 2.79
C VAL A 53 -6.81 -4.50 3.23
N TRP A 54 -6.27 -5.71 3.29
CA TRP A 54 -7.06 -6.86 3.74
C TRP A 54 -7.54 -6.66 5.18
N PHE A 55 -6.65 -6.18 6.06
CA PHE A 55 -7.05 -5.95 7.44
C PHE A 55 -8.11 -4.86 7.55
N GLN A 56 -7.96 -3.79 6.76
CA GLN A 56 -8.96 -2.73 6.77
C GLN A 56 -10.32 -3.27 6.33
N ASN A 57 -10.34 -4.04 5.24
CA ASN A 57 -11.61 -4.61 4.78
C ASN A 57 -12.19 -5.60 5.78
N ARG A 58 -11.32 -6.38 6.45
CA ARG A 58 -11.80 -7.35 7.42
C ARG A 58 -12.45 -6.65 8.60
N ARG A 59 -11.80 -5.61 9.13
CA ARG A 59 -12.43 -4.82 10.17
C ARG A 59 -13.69 -4.14 9.67
N ALA A 60 -13.74 -3.81 8.37
CA ALA A 60 -14.92 -3.16 7.81
C ALA A 60 -16.12 -4.10 7.78
N ARG A 61 -15.92 -5.36 7.37
N ARG A 61 -15.90 -5.37 7.45
CA ARG A 61 -17.06 -6.30 7.36
CA ARG A 61 -17.04 -6.33 7.37
C ARG A 61 -17.46 -6.60 8.80
C ARG A 61 -17.46 -6.67 8.79
N GLN A 62 -16.54 -6.57 9.75
CA GLN A 62 -16.86 -6.84 11.15
C GLN A 62 -17.01 -5.55 11.94
N ALA B 7 4.21 1.56 16.11
CA ALA B 7 3.45 0.58 15.34
C ALA B 7 3.35 1.00 13.88
N ARG B 8 3.66 2.27 13.61
CA ARG B 8 3.62 2.79 12.25
C ARG B 8 4.94 2.53 11.54
N ARG B 9 4.88 2.51 10.21
CA ARG B 9 6.09 2.39 9.41
C ARG B 9 6.93 3.66 9.54
N LYS B 10 8.22 3.51 9.23
CA LYS B 10 9.10 4.68 9.21
C LYS B 10 8.61 5.67 8.16
N ARG B 11 8.67 6.95 8.51
CA ARG B 11 8.14 7.99 7.63
C ARG B 11 8.97 8.06 6.35
N THR B 12 8.32 7.87 5.22
CA THR B 12 9.02 7.91 3.94
C THR B 12 9.53 9.31 3.64
N THR B 13 10.80 9.40 3.28
CA THR B 13 11.46 10.67 2.99
C THR B 13 11.67 10.80 1.48
N PHE B 14 11.24 11.93 0.92
CA PHE B 14 11.40 12.23 -0.50
C PHE B 14 12.46 13.29 -0.68
N ASN B 15 13.31 13.11 -1.70
CA ASN B 15 14.31 14.11 -2.02
C ASN B 15 13.75 15.09 -3.05
N LYS B 16 14.60 15.98 -3.54
CA LYS B 16 14.14 17.00 -4.49
C LYS B 16 13.69 16.37 -5.80
N THR B 17 14.43 15.39 -6.31
CA THR B 17 14.12 14.80 -7.61
C THR B 17 12.82 14.00 -7.55
N GLN B 18 12.65 13.19 -6.51
CA GLN B 18 11.42 12.41 -6.36
C GLN B 18 10.21 13.33 -6.26
N LEU B 19 10.31 14.37 -5.44
CA LEU B 19 9.20 15.32 -5.31
C LEU B 19 8.92 16.02 -6.64
N GLU B 20 9.96 16.41 -7.38
CA GLU B 20 9.76 17.09 -8.65
C GLU B 20 9.02 16.18 -9.64
N ILE B 21 9.46 14.92 -9.75
CA ILE B 21 8.82 14.00 -10.67
C ILE B 21 7.38 13.74 -10.26
N LEU B 22 7.13 13.57 -8.96
CA LEU B 22 5.77 13.32 -8.49
C LEU B 22 4.88 14.54 -8.72
N VAL B 23 5.41 15.74 -8.56
CA VAL B 23 4.60 16.94 -8.77
C VAL B 23 4.29 17.12 -10.25
N LYS B 24 5.25 16.80 -11.12
CA LYS B 24 4.96 16.85 -12.55
C LYS B 24 3.88 15.85 -12.93
N SER B 25 3.98 14.62 -12.40
CA SER B 25 2.96 13.61 -12.70
C SER B 25 1.60 14.02 -12.15
N PHE B 26 1.58 14.67 -10.99
CA PHE B 26 0.32 15.12 -10.40
C PHE B 26 -0.31 16.23 -11.24
N ASN B 27 0.50 17.19 -11.69
CA ASN B 27 -0.03 18.24 -12.56
C ASN B 27 -0.51 17.68 -13.88
N LYS B 28 0.12 16.60 -14.36
CA LYS B 28 -0.38 15.94 -15.57
C LYS B 28 -1.70 15.23 -15.31
N ASP B 29 -1.74 14.37 -14.28
CA ASP B 29 -2.95 13.63 -13.95
C ASP B 29 -3.03 13.40 -12.45
N PRO B 30 -4.01 13.98 -11.76
CA PRO B 30 -4.13 13.75 -10.31
C PRO B 30 -4.60 12.35 -9.95
N TYR B 31 -5.15 11.59 -10.90
CA TYR B 31 -5.64 10.24 -10.66
C TYR B 31 -4.92 9.27 -11.59
N PRO B 32 -3.69 8.90 -11.28
CA PRO B 32 -2.96 7.97 -12.15
C PRO B 32 -3.43 6.54 -11.93
N GLY B 33 -3.52 5.79 -13.02
CA GLY B 33 -3.84 4.38 -12.95
C GLY B 33 -2.72 3.58 -12.31
N ILE B 34 -2.96 2.27 -12.22
CA ILE B 34 -1.95 1.39 -11.62
C ILE B 34 -0.69 1.37 -12.48
N GLY B 35 -0.83 1.49 -13.79
CA GLY B 35 0.34 1.48 -14.66
C GLY B 35 1.24 2.67 -14.40
N VAL B 36 0.66 3.86 -14.35
CA VAL B 36 1.46 5.07 -14.11
C VAL B 36 2.05 5.07 -12.71
N ARG B 37 1.30 4.57 -11.72
CA ARG B 37 1.83 4.50 -10.37
C ARG B 37 3.01 3.55 -10.29
N GLU B 38 2.90 2.38 -10.91
CA GLU B 38 4.02 1.43 -10.91
C GLU B 38 5.19 1.97 -11.72
N HIS B 39 4.93 2.73 -12.78
CA HIS B 39 6.01 3.36 -13.53
C HIS B 39 6.76 4.37 -12.67
N LEU B 40 6.03 5.22 -11.96
CA LEU B 40 6.68 6.15 -11.03
C LEU B 40 7.44 5.40 -9.94
N ALA B 41 6.87 4.29 -9.46
CA ALA B 41 7.54 3.50 -8.43
C ALA B 41 8.89 2.98 -8.93
N SER B 42 8.90 2.42 -10.15
CA SER B 42 10.16 1.95 -10.72
C SER B 42 11.10 3.10 -11.04
N LEU B 43 10.56 4.28 -11.34
CA LEU B 43 11.39 5.40 -11.76
C LEU B 43 12.11 6.05 -10.57
N ILE B 44 11.38 6.40 -9.52
CA ILE B 44 11.97 7.07 -8.36
C ILE B 44 12.33 6.09 -7.25
N GLN B 45 12.13 4.78 -7.47
CA GLN B 45 12.47 3.74 -6.49
C GLN B 45 11.81 4.00 -5.13
N ILE B 46 10.48 4.01 -5.16
CA ILE B 46 9.65 4.18 -3.98
C ILE B 46 8.45 3.25 -4.13
N PRO B 47 8.08 2.47 -3.10
CA PRO B 47 6.97 1.52 -3.25
C PRO B 47 5.69 2.19 -3.75
N GLU B 48 4.95 1.45 -4.58
CA GLU B 48 3.75 2.00 -5.20
C GLU B 48 2.72 2.44 -4.17
N SER B 49 2.64 1.75 -3.03
CA SER B 49 1.70 2.15 -1.99
C SER B 49 2.04 3.54 -1.45
N ARG B 50 3.33 3.83 -1.30
CA ARG B 50 3.74 5.15 -0.83
C ARG B 50 3.37 6.22 -1.84
N ILE B 51 3.46 5.91 -3.14
CA ILE B 51 3.09 6.87 -4.16
C ILE B 51 1.58 7.11 -4.17
N GLN B 52 0.80 6.04 -3.97
CA GLN B 52 -0.64 6.18 -3.87
C GLN B 52 -1.03 7.05 -2.67
N VAL B 53 -0.37 6.83 -1.53
CA VAL B 53 -0.63 7.65 -0.35
C VAL B 53 -0.25 9.11 -0.61
N TRP B 54 0.89 9.33 -1.28
CA TRP B 54 1.30 10.69 -1.59
C TRP B 54 0.29 11.38 -2.49
N PHE B 55 -0.22 10.67 -3.51
CA PHE B 55 -1.22 11.26 -4.39
C PHE B 55 -2.51 11.57 -3.65
N GLN B 56 -2.93 10.66 -2.76
CA GLN B 56 -4.13 10.91 -1.97
C GLN B 56 -3.97 12.16 -1.11
N ASN B 57 -2.84 12.28 -0.42
CA ASN B 57 -2.60 13.46 0.42
C ASN B 57 -2.52 14.73 -0.42
N ARG B 58 -1.92 14.64 -1.61
CA ARG B 58 -1.79 15.81 -2.47
C ARG B 58 -3.16 16.28 -2.94
N ARG B 59 -4.00 15.35 -3.41
CA ARG B 59 -5.37 15.71 -3.78
C ARG B 59 -6.16 16.22 -2.58
N ALA B 60 -5.84 15.72 -1.38
CA ALA B 60 -6.56 16.17 -0.19
C ALA B 60 -6.24 17.62 0.15
N ARG B 61 -4.95 17.98 0.14
CA ARG B 61 -4.59 19.35 0.57
C ARG B 61 -4.92 20.38 -0.51
N GLN B 62 -5.15 19.95 -1.76
CA GLN B 62 -5.53 20.89 -2.81
C GLN B 62 -7.04 20.84 -3.06
#